data_5MMP
#
_entry.id   5MMP
#
_cell.length_a   102.640
_cell.length_b   102.640
_cell.length_c   48.570
_cell.angle_alpha   90.00
_cell.angle_beta   90.00
_cell.angle_gamma   120.00
#
_symmetry.space_group_name_H-M   'P 32 2 1'
#
loop_
_entity.id
_entity.type
_entity.pdbx_description
1 polymer 'DNA gyrase subunit B'
2 non-polymer 1-ethyl-3-[5-pyridin-4-yl-8-(pyridin-3-ylamino)isoquinolin-3-yl]urea
3 water water
#
_entity_poly.entity_id   1
_entity_poly.type   'polypeptide(L)'
_entity_poly.pdbx_seq_one_letter_code
;MRGSHHHHHHGIDHMSNSYDSSSIKVLKGLDAVRKRPGMYIGDTDDGTGLHHMVFEVVDNAIDEALAGHCKEIIVTIHAD
NSVSVQDDGRGIPTGIHPEEGVSAAEVIMTVLHAGGKFDDNSYKVSGGLHGVGVSVVNALSQKLELVIQREGKIHRQIYE
HGVPQAPLAVTGETEKTGTMVRFWPSLETFTNVTEFEYEILAKRLRELSFLNSGVSIRLRDKRDGKEDHFHYEG
;
_entity_poly.pdbx_strand_id   A
#
# COMPACT_ATOMS: atom_id res chain seq x y z
N ILE A 24 12.13 10.74 16.30
CA ILE A 24 12.84 11.99 15.89
C ILE A 24 13.53 11.84 14.52
N LYS A 25 14.18 10.70 14.32
CA LYS A 25 14.86 10.35 13.06
C LYS A 25 13.86 10.06 11.94
N VAL A 26 12.71 9.47 12.32
CA VAL A 26 11.65 9.10 11.37
C VAL A 26 10.91 10.31 10.81
N LEU A 27 10.48 11.20 11.71
CA LEU A 27 9.79 12.44 11.33
C LEU A 27 10.68 13.34 10.47
N LYS A 28 11.99 13.15 10.57
CA LYS A 28 12.95 13.83 9.72
C LYS A 28 12.89 13.33 8.27
N GLY A 29 12.94 12.00 8.10
CA GLY A 29 12.86 11.38 6.77
C GLY A 29 11.54 11.62 6.07
N LEU A 30 10.45 11.56 6.82
CA LEU A 30 9.10 11.81 6.28
C LEU A 30 8.85 13.27 5.90
N ASP A 31 9.49 14.20 6.61
CA ASP A 31 9.47 15.60 6.22
C ASP A 31 10.20 15.81 4.90
N ALA A 32 11.38 15.22 4.76
CA ALA A 32 12.16 15.34 3.52
C ALA A 32 11.44 14.78 2.28
N VAL A 33 10.68 13.69 2.45
CA VAL A 33 9.85 13.18 1.36
C VAL A 33 8.73 14.17 1.04
N ARG A 34 8.05 14.63 2.08
CA ARG A 34 6.96 15.59 1.94
C ARG A 34 7.43 16.91 1.31
N LYS A 35 8.65 17.32 1.65
CA LYS A 35 9.26 18.55 1.13
C LYS A 35 9.59 18.46 -0.35
N ARG A 36 10.11 17.32 -0.80
CA ARG A 36 10.51 17.18 -2.20
C ARG A 36 9.98 15.88 -2.83
N PRO A 37 8.63 15.78 -2.96
CA PRO A 37 7.99 14.52 -3.36
C PRO A 37 8.37 14.03 -4.76
N GLY A 38 8.51 14.96 -5.71
CA GLY A 38 8.95 14.62 -7.05
C GLY A 38 10.20 13.76 -7.05
N MET A 39 11.12 14.05 -6.12
CA MET A 39 12.34 13.27 -5.97
C MET A 39 12.02 11.79 -5.76
N TYR A 40 11.06 11.53 -4.88
CA TYR A 40 10.79 10.16 -4.44
C TYR A 40 9.77 9.42 -5.30
N ILE A 41 8.64 10.06 -5.62
CA ILE A 41 7.50 9.35 -6.24
C ILE A 41 7.32 9.66 -7.74
N GLY A 42 7.95 10.72 -8.24
CA GLY A 42 7.71 11.17 -9.61
C GLY A 42 6.82 12.41 -9.62
N ASP A 43 6.51 12.91 -10.82
CA ASP A 43 5.80 14.17 -10.98
C ASP A 43 4.45 14.16 -10.26
N THR A 44 4.21 15.19 -9.46
CA THR A 44 3.02 15.27 -8.64
C THR A 44 1.86 16.01 -9.35
N ASP A 45 2.11 16.52 -10.55
CA ASP A 45 1.12 17.37 -11.24
C ASP A 45 0.51 16.79 -12.53
N ASP A 46 0.75 15.53 -12.82
CA ASP A 46 0.28 15.00 -14.08
C ASP A 46 -0.19 13.57 -13.94
N GLY A 47 -0.34 13.10 -12.71
CA GLY A 47 -0.81 11.75 -12.48
C GLY A 47 0.22 10.63 -12.42
N THR A 48 1.45 10.87 -12.89
CA THR A 48 2.42 9.78 -12.95
C THR A 48 2.87 9.38 -11.54
N GLY A 49 3.23 10.33 -10.70
CA GLY A 49 3.52 10.07 -9.30
C GLY A 49 2.34 9.48 -8.50
N LEU A 50 1.13 9.97 -8.76
CA LEU A 50 -0.08 9.46 -8.11
C LEU A 50 -0.22 7.96 -8.29
N HIS A 51 -0.08 7.52 -9.53
CA HIS A 51 -0.23 6.11 -9.82
C HIS A 51 0.98 5.27 -9.39
N HIS A 52 2.16 5.88 -9.32
N HIS A 52 2.16 5.89 -9.34
CA HIS A 52 3.37 5.22 -8.79
CA HIS A 52 3.36 5.27 -8.79
C HIS A 52 3.14 4.85 -7.32
C HIS A 52 3.13 4.85 -7.34
N MET A 53 2.37 5.67 -6.61
CA MET A 53 1.97 5.36 -5.23
C MET A 53 1.38 3.95 -5.13
N VAL A 54 0.49 3.62 -6.05
CA VAL A 54 -0.15 2.30 -6.10
C VAL A 54 0.85 1.19 -6.44
N PHE A 55 1.70 1.40 -7.46
CA PHE A 55 2.69 0.40 -7.84
C PHE A 55 3.69 0.12 -6.72
N GLU A 56 4.08 1.14 -5.98
CA GLU A 56 4.97 0.91 -4.84
C GLU A 56 4.35 -0.06 -3.82
N VAL A 57 3.04 0.06 -3.57
CA VAL A 57 2.40 -0.78 -2.57
C VAL A 57 2.33 -2.20 -3.13
N VAL A 58 1.95 -2.29 -4.40
CA VAL A 58 1.88 -3.55 -5.12
C VAL A 58 3.24 -4.28 -5.18
N ASP A 59 4.34 -3.53 -5.33
CA ASP A 59 5.67 -4.14 -5.44
C ASP A 59 5.99 -5.03 -4.24
N ASN A 60 5.61 -4.56 -3.06
CA ASN A 60 5.83 -5.32 -1.82
C ASN A 60 4.98 -6.57 -1.70
N ALA A 61 3.76 -6.52 -2.23
CA ALA A 61 2.91 -7.72 -2.34
C ALA A 61 3.52 -8.72 -3.34
N ILE A 62 4.09 -8.18 -4.42
CA ILE A 62 4.77 -9.00 -5.42
C ILE A 62 5.95 -9.75 -4.78
N ASP A 63 6.76 -9.05 -3.97
CA ASP A 63 7.88 -9.67 -3.28
C ASP A 63 7.43 -10.84 -2.40
N GLU A 64 6.34 -10.62 -1.68
CA GLU A 64 5.74 -11.65 -0.84
C GLU A 64 5.29 -12.87 -1.67
N ALA A 65 4.79 -12.63 -2.89
CA ALA A 65 4.47 -13.71 -3.84
C ALA A 65 5.69 -14.47 -4.37
N LEU A 66 6.76 -13.73 -4.64
CA LEU A 66 8.02 -14.31 -5.12
C LEU A 66 8.71 -15.18 -4.07
N ALA A 67 8.55 -14.83 -2.80
CA ALA A 67 9.02 -15.66 -1.68
C ALA A 67 8.21 -16.95 -1.58
N GLY A 68 7.18 -17.06 -2.43
CA GLY A 68 6.33 -18.24 -2.52
C GLY A 68 5.17 -18.28 -1.54
N HIS A 69 4.86 -17.14 -0.93
CA HIS A 69 3.86 -17.11 0.16
C HIS A 69 2.48 -16.52 -0.21
N CYS A 70 2.44 -15.79 -1.32
CA CYS A 70 1.24 -15.11 -1.76
C CYS A 70 0.85 -15.60 -3.14
N LYS A 71 -0.41 -15.95 -3.31
CA LYS A 71 -0.92 -16.39 -4.60
C LYS A 71 -1.75 -15.33 -5.32
N GLU A 72 -2.37 -14.44 -4.56
CA GLU A 72 -3.26 -13.44 -5.17
C GLU A 72 -3.17 -12.05 -4.58
N ILE A 73 -3.07 -11.09 -5.49
CA ILE A 73 -3.05 -9.67 -5.18
C ILE A 73 -4.33 -9.04 -5.77
N ILE A 74 -5.05 -8.24 -4.98
CA ILE A 74 -6.25 -7.54 -5.41
C ILE A 74 -6.08 -6.04 -5.18
N VAL A 75 -6.21 -5.27 -6.26
CA VAL A 75 -6.14 -3.81 -6.20
C VAL A 75 -7.58 -3.29 -6.46
N THR A 76 -8.06 -2.42 -5.57
CA THR A 76 -9.44 -1.91 -5.62
C THR A 76 -9.45 -0.40 -5.59
N ILE A 77 -10.10 0.20 -6.58
CA ILE A 77 -10.29 1.63 -6.62
C ILE A 77 -11.66 1.89 -5.95
N HIS A 78 -11.64 2.62 -4.86
CA HIS A 78 -12.87 2.91 -4.15
C HIS A 78 -13.45 4.25 -4.63
N ALA A 79 -14.67 4.56 -4.16
CA ALA A 79 -15.40 5.76 -4.56
C ALA A 79 -15.12 6.96 -3.66
N ASP A 80 -14.20 6.76 -2.73
CA ASP A 80 -13.84 7.83 -1.79
C ASP A 80 -12.42 8.34 -2.04
N ASN A 81 -11.92 8.20 -3.26
CA ASN A 81 -10.57 8.71 -3.61
C ASN A 81 -9.42 7.94 -2.92
N SER A 82 -9.68 6.68 -2.54
CA SER A 82 -8.67 5.77 -2.00
C SER A 82 -8.49 4.56 -2.90
N VAL A 83 -7.31 3.94 -2.79
CA VAL A 83 -7.06 2.64 -3.40
C VAL A 83 -6.59 1.72 -2.32
N SER A 84 -7.01 0.46 -2.41
CA SER A 84 -6.46 -0.55 -1.56
C SER A 84 -5.75 -1.65 -2.36
N VAL A 85 -4.77 -2.26 -1.71
CA VAL A 85 -4.03 -3.38 -2.26
C VAL A 85 -4.07 -4.42 -1.14
N GLN A 86 -4.50 -5.62 -1.51
N GLN A 86 -4.50 -5.63 -1.49
CA GLN A 86 -4.62 -6.75 -0.59
CA GLN A 86 -4.59 -6.73 -0.53
C GLN A 86 -3.81 -7.89 -1.14
C GLN A 86 -3.99 -8.01 -1.09
N ASP A 87 -3.21 -8.69 -0.25
CA ASP A 87 -2.63 -9.96 -0.67
C ASP A 87 -3.03 -11.03 0.33
N ASP A 88 -2.75 -12.29 -0.01
CA ASP A 88 -3.03 -13.40 0.89
C ASP A 88 -1.74 -14.02 1.42
N GLY A 89 -0.72 -13.18 1.60
CA GLY A 89 0.60 -13.63 2.05
C GLY A 89 0.65 -13.86 3.56
N ARG A 90 1.85 -13.75 4.13
CA ARG A 90 2.08 -14.09 5.55
C ARG A 90 1.59 -13.02 6.49
N GLY A 91 1.42 -11.81 5.96
CA GLY A 91 1.04 -10.68 6.76
C GLY A 91 2.32 -10.01 7.19
N ILE A 92 2.30 -8.69 7.21
CA ILE A 92 3.42 -7.90 7.72
C ILE A 92 3.56 -8.25 9.19
N PRO A 93 4.81 -8.38 9.68
CA PRO A 93 4.98 -8.79 11.09
C PRO A 93 4.39 -7.77 12.07
N THR A 94 3.89 -8.26 13.20
CA THR A 94 3.11 -7.44 14.13
C THR A 94 3.80 -7.34 15.49
N GLY A 95 4.93 -8.02 15.64
CA GLY A 95 5.64 -8.08 16.90
C GLY A 95 6.13 -6.74 17.43
N ILE A 96 6.22 -6.63 18.75
CA ILE A 96 6.72 -5.42 19.39
C ILE A 96 8.08 -5.63 20.03
N HIS A 97 8.92 -4.60 19.92
CA HIS A 97 10.16 -4.56 20.67
C HIS A 97 9.78 -4.29 22.10
N PRO A 98 10.09 -5.23 23.01
CA PRO A 98 9.69 -5.08 24.42
C PRO A 98 10.10 -3.75 25.07
N GLU A 99 11.38 -3.37 24.98
CA GLU A 99 11.84 -2.13 25.61
C GLU A 99 11.51 -0.82 24.85
N GLU A 100 11.16 -0.94 23.56
CA GLU A 100 10.82 0.23 22.74
C GLU A 100 9.33 0.47 22.56
N GLY A 101 8.53 -0.60 22.61
CA GLY A 101 7.09 -0.51 22.35
C GLY A 101 6.69 -0.54 20.88
N VAL A 102 7.47 0.11 20.02
CA VAL A 102 7.12 0.30 18.59
C VAL A 102 7.13 -1.01 17.80
N SER A 103 5.98 -1.31 17.17
CA SER A 103 5.76 -2.55 16.45
C SER A 103 6.58 -2.67 15.17
N ALA A 104 6.85 -3.90 14.76
CA ALA A 104 7.54 -4.13 13.51
C ALA A 104 6.79 -3.46 12.33
N ALA A 105 5.48 -3.64 12.28
CA ALA A 105 4.66 -3.05 11.21
C ALA A 105 4.92 -1.55 11.11
N GLU A 106 4.94 -0.87 12.26
CA GLU A 106 5.15 0.57 12.29
C GLU A 106 6.52 0.97 11.74
N VAL A 107 7.55 0.21 12.08
CA VAL A 107 8.89 0.50 11.58
C VAL A 107 8.89 0.43 10.05
N ILE A 108 8.29 -0.63 9.50
CA ILE A 108 8.23 -0.79 8.05
C ILE A 108 7.48 0.37 7.36
N MET A 109 6.41 0.85 7.98
CA MET A 109 5.58 1.88 7.37
C MET A 109 6.19 3.29 7.50
N THR A 110 7.17 3.46 8.38
CA THR A 110 7.63 4.82 8.71
C THR A 110 9.09 5.12 8.34
N VAL A 111 9.91 4.07 8.25
CA VAL A 111 11.36 4.22 8.07
C VAL A 111 11.72 4.16 6.59
N LEU A 112 12.62 5.05 6.17
CA LEU A 112 13.00 5.18 4.76
C LEU A 112 14.11 4.24 4.37
N VAL A 132 11.26 2.81 -3.97
CA VAL A 132 11.37 3.80 -2.89
C VAL A 132 10.76 3.32 -1.56
N GLY A 133 9.74 2.47 -1.62
CA GLY A 133 9.19 1.82 -0.42
C GLY A 133 7.88 2.41 0.09
N VAL A 134 7.10 1.61 0.84
CA VAL A 134 5.80 2.12 1.37
C VAL A 134 5.91 3.32 2.28
N SER A 135 7.03 3.49 2.97
CA SER A 135 7.16 4.62 3.87
C SER A 135 6.98 5.93 3.10
N VAL A 136 7.40 5.94 1.85
CA VAL A 136 7.20 7.08 0.93
C VAL A 136 5.70 7.27 0.60
N VAL A 137 5.02 6.18 0.27
CA VAL A 137 3.57 6.24 0.04
C VAL A 137 2.85 6.78 1.28
N ASN A 138 3.19 6.24 2.44
CA ASN A 138 2.66 6.73 3.72
C ASN A 138 2.87 8.24 3.93
N ALA A 139 4.10 8.69 3.72
CA ALA A 139 4.44 10.11 3.89
C ALA A 139 3.56 11.01 3.01
N LEU A 140 3.28 10.55 1.79
CA LEU A 140 2.49 11.33 0.85
C LEU A 140 1.00 10.95 0.83
N SER A 141 0.56 10.24 1.87
CA SER A 141 -0.86 9.90 2.01
C SER A 141 -1.51 10.73 3.12
N GLN A 142 -2.59 11.43 2.77
CA GLN A 142 -3.42 12.14 3.74
C GLN A 142 -3.84 11.18 4.85
N LYS A 143 -4.19 9.94 4.45
CA LYS A 143 -4.50 8.87 5.40
C LYS A 143 -4.05 7.55 4.79
N LEU A 144 -3.54 6.67 5.62
CA LEU A 144 -3.22 5.33 5.14
C LEU A 144 -3.66 4.33 6.21
N GLU A 145 -4.30 3.26 5.78
CA GLU A 145 -4.79 2.24 6.69
C GLU A 145 -4.10 0.92 6.41
N LEU A 146 -3.58 0.31 7.44
CA LEU A 146 -2.89 -0.95 7.29
C LEU A 146 -3.71 -1.97 8.05
N VAL A 147 -4.10 -3.06 7.39
CA VAL A 147 -4.75 -4.15 8.10
C VAL A 147 -4.04 -5.45 7.81
N ILE A 148 -3.69 -6.17 8.87
CA ILE A 148 -2.89 -7.39 8.77
C ILE A 148 -3.68 -8.53 9.41
N GLN A 149 -3.79 -9.63 8.68
CA GLN A 149 -4.34 -10.88 9.22
C GLN A 149 -3.16 -11.83 9.39
N ARG A 150 -2.92 -12.25 10.64
CA ARG A 150 -1.69 -12.95 11.01
C ARG A 150 -1.88 -13.56 12.38
N GLU A 151 -1.51 -14.84 12.51
CA GLU A 151 -1.56 -15.53 13.80
C GLU A 151 -2.94 -15.54 14.51
N GLY A 152 -4.00 -15.60 13.70
CA GLY A 152 -5.37 -15.71 14.22
C GLY A 152 -6.04 -14.38 14.61
N LYS A 153 -5.38 -13.26 14.33
CA LYS A 153 -5.90 -11.94 14.71
C LYS A 153 -5.88 -10.98 13.53
N ILE A 154 -6.78 -10.00 13.57
CA ILE A 154 -6.76 -8.89 12.62
C ILE A 154 -6.12 -7.75 13.38
N HIS A 155 -5.12 -7.11 12.78
CA HIS A 155 -4.43 -5.98 13.39
C HIS A 155 -4.58 -4.74 12.53
N ARG A 156 -4.81 -3.57 13.14
CA ARG A 156 -5.03 -2.37 12.36
C ARG A 156 -4.25 -1.19 12.91
N GLN A 157 -3.74 -0.37 12.00
CA GLN A 157 -3.12 0.90 12.33
C GLN A 157 -3.41 1.93 11.24
N ILE A 158 -3.68 3.16 11.69
CA ILE A 158 -4.00 4.31 10.83
C ILE A 158 -2.85 5.31 10.92
N TYR A 159 -2.53 5.94 9.80
CA TYR A 159 -1.51 6.98 9.72
C TYR A 159 -2.12 8.19 9.03
N GLU A 160 -1.64 9.38 9.39
CA GLU A 160 -1.97 10.60 8.65
C GLU A 160 -0.65 11.33 8.29
N HIS A 161 -0.44 11.56 6.99
CA HIS A 161 0.86 12.03 6.47
C HIS A 161 2.04 11.23 7.04
N GLY A 162 1.83 9.93 7.23
CA GLY A 162 2.88 9.06 7.72
C GLY A 162 3.03 8.99 9.22
N VAL A 163 2.26 9.77 9.96
CA VAL A 163 2.29 9.75 11.42
C VAL A 163 1.25 8.77 11.99
N PRO A 164 1.71 7.73 12.71
CA PRO A 164 0.78 6.76 13.32
C PRO A 164 -0.17 7.47 14.29
N GLN A 165 -1.45 7.17 14.19
CA GLN A 165 -2.43 7.85 15.03
C GLN A 165 -2.63 7.14 16.35
N ALA A 166 -2.28 5.86 16.39
CA ALA A 166 -2.35 5.05 17.61
C ALA A 166 -1.51 3.83 17.32
N PRO A 167 -1.16 3.05 18.35
CA PRO A 167 -0.43 1.80 18.15
C PRO A 167 -1.22 0.78 17.32
N LEU A 168 -0.49 -0.16 16.69
CA LEU A 168 -1.10 -1.30 16.05
C LEU A 168 -1.99 -2.01 17.07
N ALA A 169 -3.23 -2.31 16.68
CA ALA A 169 -4.18 -2.88 17.63
C ALA A 169 -5.02 -3.98 17.01
N VAL A 170 -5.42 -4.93 17.84
CA VAL A 170 -6.30 -6.03 17.43
C VAL A 170 -7.72 -5.53 17.15
N THR A 171 -8.25 -5.83 15.98
CA THR A 171 -9.62 -5.42 15.64
C THR A 171 -10.50 -6.61 15.25
N GLY A 172 -10.09 -7.84 15.57
CA GLY A 172 -10.91 -9.03 15.26
C GLY A 172 -10.10 -10.32 15.20
N GLU A 173 -10.74 -11.41 14.81
CA GLU A 173 -10.07 -12.70 14.70
C GLU A 173 -10.34 -13.23 13.32
N THR A 174 -9.45 -14.08 12.84
CA THR A 174 -9.53 -14.65 11.51
C THR A 174 -8.65 -15.92 11.41
N GLU A 175 -8.91 -16.78 10.43
CA GLU A 175 -7.98 -17.86 10.07
C GLU A 175 -7.25 -17.54 8.76
N LYS A 176 -7.58 -16.43 8.13
CA LYS A 176 -6.88 -16.06 6.91
C LYS A 176 -5.59 -15.34 7.29
N THR A 177 -4.65 -15.27 6.33
CA THR A 177 -3.46 -14.46 6.52
C THR A 177 -3.26 -13.50 5.36
N GLY A 178 -2.63 -12.35 5.61
CA GLY A 178 -2.33 -11.41 4.54
C GLY A 178 -2.29 -9.96 5.01
N THR A 179 -2.14 -9.07 4.03
CA THR A 179 -1.89 -7.66 4.32
C THR A 179 -2.77 -6.81 3.40
N MET A 180 -3.34 -5.74 3.96
CA MET A 180 -4.22 -4.83 3.19
C MET A 180 -3.69 -3.45 3.50
N VAL A 181 -3.37 -2.69 2.45
CA VAL A 181 -2.94 -1.30 2.61
C VAL A 181 -3.91 -0.47 1.79
N ARG A 182 -4.49 0.54 2.42
CA ARG A 182 -5.43 1.45 1.76
C ARG A 182 -4.99 2.86 2.05
N PHE A 183 -4.86 3.67 1.00
CA PHE A 183 -4.37 5.01 1.18
C PHE A 183 -5.18 6.04 0.38
N TRP A 184 -5.24 7.24 0.96
CA TRP A 184 -5.91 8.40 0.39
C TRP A 184 -4.76 9.39 0.13
N PRO A 185 -4.53 9.73 -1.16
CA PRO A 185 -3.35 10.55 -1.45
C PRO A 185 -3.51 11.99 -0.96
N SER A 186 -2.42 12.58 -0.49
CA SER A 186 -2.41 13.95 -0.02
C SER A 186 -2.80 14.92 -1.14
N LEU A 187 -3.77 15.79 -0.84
CA LEU A 187 -4.21 16.78 -1.80
C LEU A 187 -3.35 18.05 -1.74
N GLU A 188 -2.43 18.11 -0.78
CA GLU A 188 -1.35 19.11 -0.75
C GLU A 188 -0.20 18.73 -1.69
N THR A 189 0.04 17.42 -1.87
CA THR A 189 1.09 16.96 -2.76
C THR A 189 0.64 16.88 -4.22
N PHE A 190 -0.48 16.23 -4.46
CA PHE A 190 -0.89 15.93 -5.83
C PHE A 190 -1.88 16.95 -6.38
N THR A 191 -1.67 17.34 -7.63
CA THR A 191 -2.49 18.34 -8.31
C THR A 191 -2.86 17.87 -9.72
N ASN A 192 -3.89 18.51 -10.29
CA ASN A 192 -4.42 18.22 -11.65
C ASN A 192 -5.05 16.85 -11.83
N VAL A 193 -4.28 15.78 -11.57
CA VAL A 193 -4.81 14.42 -11.60
C VAL A 193 -4.71 13.96 -10.13
N THR A 194 -5.86 13.95 -9.46
CA THR A 194 -5.92 13.58 -8.03
C THR A 194 -6.77 12.32 -7.84
N GLU A 195 -7.32 11.81 -8.94
CA GLU A 195 -8.13 10.62 -8.92
C GLU A 195 -7.45 9.52 -9.72
N PHE A 196 -7.56 8.29 -9.23
CA PHE A 196 -6.98 7.14 -9.90
C PHE A 196 -7.70 6.75 -11.18
N GLU A 197 -6.92 6.47 -12.22
CA GLU A 197 -7.44 6.13 -13.52
C GLU A 197 -7.23 4.66 -13.79
N TYR A 198 -8.35 3.98 -14.03
CA TYR A 198 -8.38 2.55 -14.28
C TYR A 198 -7.36 2.06 -15.33
N GLU A 199 -7.35 2.68 -16.51
CA GLU A 199 -6.47 2.26 -17.60
C GLU A 199 -4.98 2.24 -17.23
N ILE A 200 -4.51 3.30 -16.58
CA ILE A 200 -3.13 3.39 -16.11
C ILE A 200 -2.81 2.21 -15.19
N LEU A 201 -3.70 1.95 -14.21
CA LEU A 201 -3.54 0.79 -13.35
C LEU A 201 -3.59 -0.55 -14.10
N ALA A 202 -4.56 -0.71 -14.99
CA ALA A 202 -4.73 -1.96 -15.72
C ALA A 202 -3.48 -2.30 -16.52
N LYS A 203 -2.93 -1.29 -17.19
CA LYS A 203 -1.76 -1.45 -18.06
C LYS A 203 -0.54 -1.96 -17.30
N ARG A 204 -0.20 -1.29 -16.19
CA ARG A 204 0.93 -1.68 -15.38
C ARG A 204 0.72 -2.96 -14.53
N LEU A 205 -0.50 -3.18 -14.03
CA LEU A 205 -0.77 -4.45 -13.35
C LEU A 205 -0.64 -5.67 -14.26
N ARG A 206 -1.08 -5.53 -15.51
CA ARG A 206 -0.88 -6.59 -16.49
C ARG A 206 0.61 -6.92 -16.69
N GLU A 207 1.44 -5.90 -16.92
CA GLU A 207 2.90 -6.08 -17.05
C GLU A 207 3.47 -6.79 -15.81
N LEU A 208 3.09 -6.28 -14.63
CA LEU A 208 3.58 -6.83 -13.37
C LEU A 208 3.28 -8.30 -13.25
N SER A 209 2.10 -8.72 -13.72
CA SER A 209 1.76 -10.14 -13.73
C SER A 209 2.61 -10.97 -14.71
N PHE A 210 2.90 -10.46 -15.91
CA PHE A 210 3.79 -11.23 -16.80
C PHE A 210 5.30 -11.14 -16.49
N LEU A 211 5.72 -10.09 -15.78
CA LEU A 211 7.10 -9.99 -15.30
C LEU A 211 7.37 -10.78 -14.01
N ASN A 212 6.33 -11.36 -13.41
CA ASN A 212 6.48 -12.25 -12.26
C ASN A 212 5.48 -13.38 -12.39
N SER A 213 5.59 -14.18 -13.46
CA SER A 213 4.49 -15.07 -13.85
C SER A 213 4.13 -16.11 -12.80
N GLY A 214 2.93 -16.62 -12.86
CA GLY A 214 2.37 -17.38 -11.74
C GLY A 214 1.67 -16.50 -10.70
N VAL A 215 1.79 -15.17 -10.81
CA VAL A 215 1.08 -14.27 -9.86
C VAL A 215 -0.26 -13.75 -10.41
N SER A 216 -1.31 -14.00 -9.64
CA SER A 216 -2.64 -13.53 -9.96
C SER A 216 -2.88 -12.14 -9.34
N ILE A 217 -3.24 -11.19 -10.19
CA ILE A 217 -3.53 -9.81 -9.81
C ILE A 217 -4.91 -9.45 -10.35
N ARG A 218 -5.82 -9.08 -9.45
CA ARG A 218 -7.14 -8.61 -9.86
C ARG A 218 -7.23 -7.12 -9.64
N LEU A 219 -7.92 -6.44 -10.57
CA LEU A 219 -8.20 -5.02 -10.45
C LEU A 219 -9.72 -4.83 -10.38
N ARG A 220 -10.20 -4.14 -9.35
CA ARG A 220 -11.62 -3.84 -9.23
C ARG A 220 -11.82 -2.35 -9.06
N ASP A 221 -12.77 -1.80 -9.82
CA ASP A 221 -13.15 -0.40 -9.68
C ASP A 221 -14.56 -0.38 -9.11
N LYS A 222 -14.69 0.04 -7.86
CA LYS A 222 -15.98 0.12 -7.20
C LYS A 222 -16.80 1.30 -7.72
N ARG A 223 -16.14 2.26 -8.40
CA ARG A 223 -16.85 3.43 -8.93
C ARG A 223 -17.86 3.06 -10.01
N ASP A 224 -17.50 2.12 -10.87
CA ASP A 224 -18.32 1.74 -12.00
C ASP A 224 -18.49 0.23 -12.14
N GLY A 225 -17.89 -0.54 -11.25
CA GLY A 225 -17.99 -2.00 -11.31
C GLY A 225 -17.08 -2.70 -12.31
N LYS A 226 -16.19 -1.96 -12.96
CA LYS A 226 -15.25 -2.61 -13.89
C LYS A 226 -14.18 -3.45 -13.16
N GLU A 227 -13.81 -4.58 -13.76
CA GLU A 227 -12.95 -5.59 -13.14
C GLU A 227 -12.09 -6.32 -14.18
N ASP A 228 -10.87 -6.70 -13.78
CA ASP A 228 -9.96 -7.46 -14.64
C ASP A 228 -9.17 -8.46 -13.80
N HIS A 229 -8.79 -9.58 -14.39
CA HIS A 229 -7.92 -10.58 -13.75
C HIS A 229 -6.69 -10.79 -14.64
N PHE A 230 -5.51 -10.46 -14.12
CA PHE A 230 -4.25 -10.67 -14.85
C PHE A 230 -3.45 -11.81 -14.24
N HIS A 231 -3.12 -12.77 -15.08
CA HIS A 231 -2.34 -13.93 -14.68
C HIS A 231 -1.81 -14.64 -15.93
N TYR A 232 -0.58 -15.15 -15.84
CA TYR A 232 0.09 -15.75 -17.01
C TYR A 232 0.74 -17.08 -16.67
N GLU A 233 0.66 -18.04 -17.59
CA GLU A 233 1.37 -19.31 -17.46
C GLU A 233 2.20 -19.61 -18.71
#